data_6FUD
#
_entry.id   6FUD
#
_cell.length_a   30.070
_cell.length_b   54.440
_cell.length_c   46.640
_cell.angle_alpha   90.00
_cell.angle_beta   104.43
_cell.angle_gamma   90.00
#
_symmetry.space_group_name_H-M   'P 1 21 1'
#
loop_
_entity.id
_entity.type
_entity.pdbx_description
1 polymer 'NBS-LRR class disease resistance protein'
2 polymer 'AVR-Pik protein'
3 water water
#
loop_
_entity_poly.entity_id
_entity_poly.type
_entity_poly.pdbx_seq_one_letter_code
_entity_poly.pdbx_strand_id
1 'polypeptide(L)'
;GPGGEMQKIVFKIPMVDDKSRTKAMSLVASTVGVHSVAIAGDLRDQVVVVGDGIDSINLVSALRKKVGPAMFLEVSQVKE
D
;
A
2 'polypeptide(L)'
;METGNKYIEKRAIDLSRERDPNFFDNADIPVPECFWFMFKNNVRQDAGTCYSSWKMDMKVGPNWVHIKSDDNCNLSGDFP
PGWIVLGKKRPGF
;
B
#
# COMPACT_ATOMS: atom_id res chain seq x y z
N GLU A 5 9.54 7.49 -13.34
CA GLU A 5 9.75 8.50 -12.26
C GLU A 5 9.76 7.85 -10.87
N MET A 6 9.09 8.43 -9.87
CA MET A 6 9.39 8.04 -8.50
C MET A 6 8.51 6.89 -8.10
N GLN A 7 9.13 5.86 -7.56
CA GLN A 7 8.48 4.60 -7.21
C GLN A 7 7.81 4.64 -5.85
N LYS A 8 6.64 4.05 -5.77
CA LYS A 8 6.04 3.63 -4.49
C LYS A 8 5.80 2.13 -4.54
N ILE A 9 6.36 1.42 -3.57
CA ILE A 9 6.25 -0.02 -3.52
CA ILE A 9 6.25 -0.03 -3.52
C ILE A 9 5.76 -0.35 -2.12
N VAL A 10 4.70 -1.13 -2.00
CA VAL A 10 4.23 -1.53 -0.66
C VAL A 10 4.27 -3.04 -0.60
N PHE A 11 4.96 -3.53 0.43
CA PHE A 11 4.99 -4.97 0.74
C PHE A 11 4.07 -5.24 1.92
N LYS A 12 3.58 -6.46 1.98
CA LYS A 12 3.03 -6.98 3.22
C LYS A 12 3.95 -8.03 3.77
N ILE A 13 4.29 -7.93 5.04
CA ILE A 13 5.20 -8.91 5.68
C ILE A 13 4.50 -9.46 6.90
N PRO A 14 3.76 -10.54 6.70
CA PRO A 14 2.96 -11.03 7.71
C PRO A 14 3.77 -11.61 8.78
N MET A 15 3.21 -11.51 9.97
CA MET A 15 3.77 -12.13 11.16
C MET A 15 4.98 -11.37 11.73
N VAL A 16 5.29 -10.19 11.19
CA VAL A 16 6.41 -9.37 11.63
C VAL A 16 6.09 -9.01 13.08
N ASP A 17 7.14 -9.00 13.91
CA ASP A 17 7.09 -8.46 15.30
C ASP A 17 7.89 -7.20 15.33
N ASP A 18 7.89 -6.50 16.47
CA ASP A 18 8.59 -5.22 16.52
C ASP A 18 10.07 -5.29 16.14
N LYS A 19 10.78 -6.29 16.66
CA LYS A 19 12.18 -6.43 16.27
C LYS A 19 12.34 -6.71 14.76
N SER A 20 11.44 -7.50 14.19
CA SER A 20 11.44 -7.72 12.74
C SER A 20 11.01 -6.49 11.93
N ARG A 21 10.11 -5.67 12.46
CA ARG A 21 9.78 -4.36 11.83
C ARG A 21 11.00 -3.47 11.73
N THR A 22 11.74 -3.36 12.84
CA THR A 22 12.98 -2.59 12.88
C THR A 22 13.99 -3.17 11.88
N LYS A 23 14.15 -4.49 11.88
CA LYS A 23 15.07 -5.17 10.96
C LYS A 23 14.69 -4.88 9.48
N ALA A 24 13.40 -4.90 9.19
CA ALA A 24 12.87 -4.65 7.86
C ALA A 24 13.14 -3.23 7.41
N MET A 25 12.93 -2.27 8.30
CA MET A 25 13.18 -0.88 7.95
C MET A 25 14.64 -0.61 7.69
N SER A 26 15.51 -1.22 8.51
CA SER A 26 16.94 -1.07 8.35
C SER A 26 17.39 -1.61 7.02
N LEU A 27 16.91 -2.81 6.71
CA LEU A 27 17.24 -3.46 5.45
C LEU A 27 16.80 -2.60 4.27
N VAL A 28 15.55 -2.16 4.31
CA VAL A 28 15.01 -1.32 3.23
C VAL A 28 15.81 -0.01 3.09
N ALA A 29 15.98 0.69 4.21
CA ALA A 29 16.72 1.99 4.18
C ALA A 29 18.17 1.91 3.64
N SER A 30 18.77 0.72 3.78
CA SER A 30 20.13 0.49 3.32
CA SER A 30 20.14 0.47 3.31
C SER A 30 20.18 0.08 1.82
N THR A 31 19.01 -0.02 1.16
CA THR A 31 18.93 -0.48 -0.23
C THR A 31 19.10 0.69 -1.21
N VAL A 32 19.86 0.46 -2.27
CA VAL A 32 20.04 1.45 -3.33
C VAL A 32 18.68 1.91 -3.87
N GLY A 33 18.56 3.22 -4.01
CA GLY A 33 17.39 3.84 -4.55
C GLY A 33 16.33 4.30 -3.58
N VAL A 34 16.39 3.82 -2.32
CA VAL A 34 15.34 4.08 -1.35
C VAL A 34 15.50 5.46 -0.73
N HIS A 35 14.39 6.21 -0.73
CA HIS A 35 14.31 7.53 -0.09
C HIS A 35 13.68 7.42 1.29
N SER A 36 12.67 6.57 1.43
CA SER A 36 12.04 6.42 2.73
C SER A 36 11.31 5.11 2.85
N VAL A 37 11.12 4.72 4.10
CA VAL A 37 10.34 3.52 4.43
C VAL A 37 9.54 3.77 5.69
N ALA A 38 8.34 3.21 5.74
CA ALA A 38 7.48 3.31 6.90
C ALA A 38 6.71 1.98 7.06
N ILE A 39 6.38 1.65 8.30
CA ILE A 39 5.46 0.53 8.57
C ILE A 39 4.09 1.08 8.97
N ALA A 40 3.08 0.60 8.26
CA ALA A 40 1.73 1.03 8.39
C ALA A 40 0.75 -0.15 8.34
N GLY A 41 -0.54 0.18 8.18
CA GLY A 41 -1.54 -0.82 7.91
C GLY A 41 -2.27 -1.33 9.14
N ASP A 42 -3.39 -2.01 8.89
CA ASP A 42 -4.27 -2.44 9.97
C ASP A 42 -3.54 -3.42 10.94
N LEU A 43 -2.60 -4.19 10.42
CA LEU A 43 -1.84 -5.16 11.20
C LEU A 43 -0.42 -4.67 11.44
N ARG A 44 -0.11 -3.42 11.10
CA ARG A 44 1.29 -2.96 11.15
CA ARG A 44 1.28 -2.95 11.17
C ARG A 44 2.27 -3.90 10.38
N ASP A 45 1.86 -4.43 9.19
CA ASP A 45 2.68 -5.30 8.37
C ASP A 45 2.78 -4.84 6.94
N GLN A 46 2.30 -3.58 6.75
CA GLN A 46 2.53 -2.88 5.47
C GLN A 46 3.86 -2.15 5.54
N VAL A 47 4.73 -2.39 4.57
CA VAL A 47 6.03 -1.72 4.49
C VAL A 47 5.96 -0.84 3.23
N VAL A 48 5.84 0.47 3.46
CA VAL A 48 5.65 1.43 2.38
C VAL A 48 7.03 2.01 2.03
N VAL A 49 7.48 1.78 0.78
CA VAL A 49 8.81 2.18 0.31
C VAL A 49 8.64 3.21 -0.81
N VAL A 50 9.37 4.32 -0.71
CA VAL A 50 9.37 5.32 -1.78
C VAL A 50 10.85 5.55 -2.19
N GLY A 51 11.08 5.64 -3.50
CA GLY A 51 12.41 5.97 -4.00
C GLY A 51 12.47 6.06 -5.49
N ASP A 52 13.68 5.94 -6.04
CA ASP A 52 13.90 6.04 -7.46
C ASP A 52 15.10 5.17 -7.78
N GLY A 53 14.92 4.22 -8.70
CA GLY A 53 15.98 3.28 -9.04
C GLY A 53 16.07 2.08 -8.10
N ILE A 54 14.96 1.73 -7.43
CA ILE A 54 14.92 0.56 -6.53
C ILE A 54 14.72 -0.69 -7.33
N ASP A 55 15.59 -1.67 -7.14
CA ASP A 55 15.39 -3.01 -7.71
C ASP A 55 14.45 -3.75 -6.76
N SER A 56 13.16 -3.70 -7.06
CA SER A 56 12.16 -4.26 -6.12
C SER A 56 12.19 -5.78 -5.99
N ILE A 57 12.64 -6.48 -7.03
CA ILE A 57 12.71 -7.95 -6.97
C ILE A 57 13.86 -8.35 -6.07
N ASN A 58 15.01 -7.70 -6.24
CA ASN A 58 16.13 -7.93 -5.30
C ASN A 58 15.74 -7.60 -3.85
N LEU A 59 14.95 -6.53 -3.68
CA LEU A 59 14.50 -6.13 -2.33
C LEU A 59 13.53 -7.17 -1.69
N VAL A 60 12.56 -7.66 -2.43
CA VAL A 60 11.64 -8.64 -1.84
C VAL A 60 12.36 -9.95 -1.49
N SER A 61 13.32 -10.33 -2.32
CA SER A 61 14.16 -11.50 -2.03
CA SER A 61 14.17 -11.50 -2.03
C SER A 61 14.95 -11.34 -0.73
N ALA A 62 15.54 -10.15 -0.54
CA ALA A 62 16.32 -9.89 0.68
C ALA A 62 15.39 -9.91 1.90
N LEU A 63 14.20 -9.30 1.78
CA LEU A 63 13.23 -9.37 2.87
C LEU A 63 12.83 -10.80 3.19
N ARG A 64 12.63 -11.60 2.16
CA ARG A 64 12.28 -13.00 2.39
C ARG A 64 13.40 -13.76 3.05
N LYS A 65 14.66 -13.45 2.72
CA LYS A 65 15.79 -14.21 3.26
C LYS A 65 16.05 -13.82 4.71
N LYS A 66 15.80 -12.55 5.04
CA LYS A 66 16.25 -11.98 6.32
C LYS A 66 15.16 -11.62 7.31
N VAL A 67 13.93 -11.47 6.84
CA VAL A 67 12.86 -10.93 7.70
C VAL A 67 11.68 -11.87 7.85
N GLY A 68 11.05 -12.21 6.74
CA GLY A 68 9.76 -12.86 6.77
C GLY A 68 9.23 -13.03 5.37
N PRO A 69 8.08 -13.70 5.19
CA PRO A 69 7.59 -14.02 3.84
C PRO A 69 6.88 -12.85 3.10
N ALA A 70 7.70 -11.92 2.68
CA ALA A 70 7.20 -10.69 2.12
C ALA A 70 6.49 -10.93 0.80
N MET A 71 5.44 -10.16 0.60
CA MET A 71 4.73 -10.20 -0.65
C MET A 71 4.46 -8.80 -1.13
N PHE A 72 4.44 -8.62 -2.43
CA PHE A 72 3.99 -7.37 -3.00
C PHE A 72 2.49 -7.11 -2.68
N LEU A 73 2.18 -5.89 -2.27
CA LEU A 73 0.78 -5.43 -2.18
C LEU A 73 0.54 -4.39 -3.30
N GLU A 74 1.47 -3.47 -3.53
CA GLU A 74 1.26 -2.44 -4.54
C GLU A 74 2.56 -2.05 -5.20
N VAL A 75 2.45 -1.75 -6.51
CA VAL A 75 3.52 -1.05 -7.22
C VAL A 75 2.87 0.13 -7.95
N SER A 76 3.36 1.33 -7.71
CA SER A 76 2.80 2.51 -8.36
C SER A 76 3.85 3.61 -8.48
N GLN A 77 3.47 4.72 -9.08
CA GLN A 77 4.34 5.91 -9.17
C GLN A 77 3.78 6.99 -8.29
N VAL A 78 4.64 7.79 -7.69
CA VAL A 78 4.21 8.94 -6.94
C VAL A 78 3.62 9.98 -7.89
N LYS A 79 2.46 10.50 -7.51
CA LYS A 79 1.82 11.60 -8.26
C LYS A 79 2.42 12.93 -7.86
N GLU A 80 3.27 13.47 -8.73
CA GLU A 80 4.01 14.67 -8.40
C GLU A 80 3.05 15.88 -8.59
N ASP A 81 3.30 16.95 -7.88
CA ASP A 81 2.49 18.18 -8.03
C ASP A 81 2.72 18.84 -9.39
N ILE B 13 -21.33 -1.80 1.42
CA ILE B 13 -20.39 -1.56 2.57
CA ILE B 13 -20.33 -1.53 2.52
C ILE B 13 -20.49 -0.10 3.03
N ASP B 14 -20.59 0.06 4.33
CA ASP B 14 -20.75 1.40 4.90
C ASP B 14 -19.43 1.97 5.37
N LEU B 15 -18.83 2.82 4.53
CA LEU B 15 -17.51 3.34 4.93
C LEU B 15 -17.57 4.31 6.11
N SER B 16 -18.74 4.86 6.43
CA SER B 16 -18.87 5.77 7.56
C SER B 16 -18.53 5.10 8.90
N ARG B 17 -18.67 3.77 8.92
CA ARG B 17 -18.41 3.01 10.13
CA ARG B 17 -18.42 2.98 10.11
C ARG B 17 -17.04 2.33 10.14
N GLU B 18 -16.22 2.65 9.16
CA GLU B 18 -14.87 2.11 9.10
C GLU B 18 -13.88 3.00 9.79
N ARG B 19 -13.05 2.42 10.65
CA ARG B 19 -11.91 3.13 11.26
C ARG B 19 -10.97 3.61 10.15
N ASP B 20 -10.29 4.74 10.34
CA ASP B 20 -9.36 5.20 9.35
C ASP B 20 -8.27 4.19 9.12
N PRO B 21 -7.69 4.17 7.91
CA PRO B 21 -6.45 3.45 7.71
C PRO B 21 -5.37 3.93 8.67
N ASN B 22 -4.40 3.05 8.92
CA ASN B 22 -3.24 3.40 9.75
C ASN B 22 -2.13 3.77 8.78
N PHE B 23 -1.91 5.07 8.62
CA PHE B 23 -1.11 5.65 7.45
C PHE B 23 -0.06 6.51 8.07
N PHE B 24 0.92 6.77 7.21
CA PHE B 24 2.02 7.64 7.53
C PHE B 24 2.14 8.60 6.36
N ASP B 25 1.87 9.91 6.52
CA ASP B 25 2.05 10.85 5.37
C ASP B 25 3.53 11.26 5.31
N ASN B 26 4.16 10.83 4.25
CA ASN B 26 5.55 11.15 3.95
C ASN B 26 5.70 12.61 3.60
N ALA B 27 6.59 13.31 4.33
CA ALA B 27 6.74 14.77 4.16
C ALA B 27 7.44 15.20 2.88
N ASP B 28 8.11 14.26 2.22
CA ASP B 28 8.90 14.63 1.06
C ASP B 28 8.13 14.64 -0.26
N ILE B 29 6.92 14.08 -0.25
CA ILE B 29 6.12 13.89 -1.45
C ILE B 29 4.70 14.36 -1.22
N PRO B 30 3.93 14.56 -2.31
CA PRO B 30 2.59 15.07 -2.11
C PRO B 30 1.77 14.12 -1.27
N VAL B 31 0.85 14.69 -0.49
CA VAL B 31 0.02 13.88 0.35
C VAL B 31 -1.08 13.21 -0.48
N PRO B 32 -1.22 11.88 -0.39
CA PRO B 32 -2.29 11.21 -1.13
C PRO B 32 -3.66 11.58 -0.64
N GLU B 33 -4.58 11.83 -1.58
CA GLU B 33 -5.89 12.37 -1.26
C GLU B 33 -6.94 11.39 -0.79
N CYS B 34 -6.67 10.10 -1.04
CA CYS B 34 -7.69 9.08 -0.86
C CYS B 34 -7.28 8.06 0.22
N PHE B 35 -8.31 7.56 0.89
CA PHE B 35 -8.22 6.32 1.65
C PHE B 35 -8.73 5.21 0.75
N TRP B 36 -8.10 4.02 0.83
CA TRP B 36 -8.64 2.82 0.23
C TRP B 36 -8.83 1.73 1.29
N PHE B 37 -9.82 0.89 1.07
CA PHE B 37 -10.18 -0.20 1.99
C PHE B 37 -10.43 -1.42 1.16
N MET B 38 -9.74 -2.52 1.45
CA MET B 38 -9.87 -3.79 0.72
C MET B 38 -10.74 -4.75 1.51
N PHE B 39 -11.74 -5.34 0.84
CA PHE B 39 -12.62 -6.31 1.46
C PHE B 39 -12.70 -7.58 0.63
N LYS B 40 -12.87 -8.70 1.37
CA LYS B 40 -13.33 -9.98 0.82
CA LYS B 40 -13.32 -9.98 0.82
C LYS B 40 -14.64 -10.26 1.47
N ASN B 41 -15.71 -10.42 0.68
CA ASN B 41 -17.08 -10.56 1.24
C ASN B 41 -17.27 -9.32 2.13
N ASN B 42 -17.75 -9.47 3.36
CA ASN B 42 -17.86 -8.21 4.13
C ASN B 42 -16.71 -7.84 4.97
N VAL B 43 -15.59 -8.51 4.79
CA VAL B 43 -14.55 -8.48 5.76
C VAL B 43 -13.37 -7.67 5.29
N ARG B 44 -13.07 -6.63 6.06
CA ARG B 44 -11.92 -5.79 5.81
C ARG B 44 -10.63 -6.54 5.90
N GLN B 45 -9.77 -6.46 4.92
CA GLN B 45 -8.48 -7.10 4.87
C GLN B 45 -7.37 -6.16 5.28
N ASP B 46 -7.36 -4.96 4.71
CA ASP B 46 -6.39 -3.91 5.05
C ASP B 46 -6.91 -2.63 4.43
N ALA B 47 -6.15 -1.56 4.65
CA ALA B 47 -6.54 -0.21 4.20
C ALA B 47 -5.30 0.62 4.10
N GLY B 48 -5.36 1.69 3.31
CA GLY B 48 -4.21 2.53 3.12
C GLY B 48 -4.58 3.86 2.49
N THR B 49 -3.60 4.51 1.88
CA THR B 49 -3.82 5.79 1.18
C THR B 49 -3.35 5.63 -0.25
N CYS B 50 -3.97 6.42 -1.16
CA CYS B 50 -3.56 6.45 -2.55
C CYS B 50 -3.94 7.82 -3.14
N TYR B 51 -3.36 8.09 -4.31
CA TYR B 51 -3.65 9.36 -5.02
C TYR B 51 -4.96 9.30 -5.77
N SER B 52 -5.60 10.48 -5.88
CA SER B 52 -6.77 10.63 -6.74
C SER B 52 -6.30 10.90 -8.20
N SER B 53 -7.21 10.70 -9.11
CA SER B 53 -6.94 10.92 -10.54
C SER B 53 -5.69 10.22 -10.98
N TRP B 54 -5.57 8.93 -10.62
CA TRP B 54 -4.28 8.25 -10.73
C TRP B 54 -4.50 6.74 -10.96
N LYS B 55 -3.43 5.97 -10.83
CA LYS B 55 -3.52 4.57 -11.07
C LYS B 55 -2.47 3.88 -10.21
N MET B 56 -2.75 2.59 -9.91
CA MET B 56 -1.83 1.75 -9.18
C MET B 56 -2.10 0.30 -9.55
N ASP B 57 -1.09 -0.53 -9.39
CA ASP B 57 -1.31 -1.98 -9.45
C ASP B 57 -1.27 -2.50 -8.03
N MET B 58 -2.34 -3.25 -7.70
CA MET B 58 -2.47 -3.75 -6.31
C MET B 58 -2.85 -5.22 -6.39
N LYS B 59 -2.25 -5.98 -5.46
CA LYS B 59 -2.58 -7.42 -5.36
C LYS B 59 -3.80 -7.55 -4.48
N VAL B 60 -4.85 -8.08 -5.04
CA VAL B 60 -6.15 -8.21 -4.37
C VAL B 60 -6.44 -9.73 -4.29
N GLY B 61 -6.13 -10.31 -3.13
CA GLY B 61 -6.23 -11.77 -3.00
C GLY B 61 -5.34 -12.45 -4.00
N PRO B 62 -5.94 -13.29 -4.89
CA PRO B 62 -5.15 -14.10 -5.81
C PRO B 62 -4.83 -13.40 -7.15
N ASN B 63 -5.25 -12.14 -7.33
CA ASN B 63 -5.07 -11.48 -8.61
C ASN B 63 -4.53 -10.05 -8.45
N TRP B 64 -3.59 -9.67 -9.33
CA TRP B 64 -3.28 -8.26 -9.52
C TRP B 64 -4.48 -7.56 -10.17
N VAL B 65 -4.67 -6.34 -9.70
CA VAL B 65 -5.75 -5.49 -10.23
C VAL B 65 -5.08 -4.15 -10.57
N HIS B 66 -5.41 -3.63 -11.75
CA HIS B 66 -5.02 -2.26 -12.12
C HIS B 66 -6.14 -1.32 -11.70
N ILE B 67 -5.91 -0.51 -10.69
CA ILE B 67 -6.92 0.29 -10.07
C ILE B 67 -6.74 1.75 -10.47
N LYS B 68 -7.80 2.29 -11.07
CA LYS B 68 -7.82 3.70 -11.44
C LYS B 68 -8.65 4.45 -10.43
N SER B 69 -8.21 5.67 -10.05
CA SER B 69 -8.98 6.53 -9.20
C SER B 69 -9.40 7.78 -9.98
N ASP B 70 -10.62 8.23 -9.69
CA ASP B 70 -11.08 9.50 -10.24
C ASP B 70 -10.82 10.64 -9.28
N ASP B 71 -11.27 11.85 -9.61
CA ASP B 71 -11.04 13.04 -8.78
CA ASP B 71 -10.88 12.96 -8.77
C ASP B 71 -11.67 12.96 -7.42
N ASN B 72 -12.69 12.10 -7.31
CA ASN B 72 -13.40 11.93 -6.05
C ASN B 72 -13.01 10.63 -5.32
N CYS B 73 -11.90 10.03 -5.71
CA CYS B 73 -11.41 8.83 -5.05
C CYS B 73 -12.29 7.60 -5.26
N ASN B 74 -13.14 7.58 -6.28
CA ASN B 74 -13.79 6.37 -6.66
C ASN B 74 -12.82 5.47 -7.40
N LEU B 75 -12.77 4.20 -7.00
CA LEU B 75 -11.76 3.28 -7.52
C LEU B 75 -12.39 2.26 -8.50
N SER B 76 -11.79 2.10 -9.66
CA SER B 76 -12.25 1.20 -10.68
C SER B 76 -11.20 0.15 -10.99
N GLY B 77 -11.62 -1.08 -11.17
CA GLY B 77 -10.72 -2.13 -11.55
C GLY B 77 -11.45 -3.43 -11.76
N ASP B 78 -10.76 -4.41 -12.32
CA ASP B 78 -11.27 -5.77 -12.53
CA ASP B 78 -11.34 -5.76 -12.50
C ASP B 78 -11.00 -6.60 -11.29
N PHE B 79 -11.83 -6.43 -10.26
CA PHE B 79 -11.61 -7.14 -9.00
C PHE B 79 -12.09 -8.58 -9.08
N PRO B 80 -11.36 -9.51 -8.44
CA PRO B 80 -11.78 -10.91 -8.46
C PRO B 80 -13.08 -11.10 -7.68
N PRO B 81 -13.81 -12.18 -7.99
CA PRO B 81 -15.10 -12.37 -7.35
C PRO B 81 -15.03 -12.35 -5.83
N GLY B 82 -15.94 -11.59 -5.26
CA GLY B 82 -16.03 -11.43 -3.82
C GLY B 82 -15.17 -10.33 -3.25
N TRP B 83 -14.29 -9.75 -4.05
CA TRP B 83 -13.35 -8.74 -3.53
C TRP B 83 -13.69 -7.38 -4.04
N ILE B 84 -13.35 -6.38 -3.26
CA ILE B 84 -13.46 -4.98 -3.73
CA ILE B 84 -13.47 -4.97 -3.73
C ILE B 84 -12.40 -4.16 -3.00
N VAL B 85 -11.95 -3.11 -3.67
CA VAL B 85 -11.20 -2.02 -3.01
C VAL B 85 -12.03 -0.77 -3.20
N LEU B 86 -12.41 -0.13 -2.09
CA LEU B 86 -13.29 1.05 -2.07
C LEU B 86 -12.48 2.24 -1.63
N GLY B 87 -12.71 3.38 -2.34
CA GLY B 87 -12.07 4.60 -2.01
C GLY B 87 -12.94 5.64 -1.38
N LYS B 88 -12.33 6.54 -0.64
CA LYS B 88 -13.02 7.72 -0.05
C LYS B 88 -12.03 8.87 -0.09
N LYS B 89 -12.52 10.07 -0.39
CA LYS B 89 -11.71 11.23 -0.25
C LYS B 89 -11.44 11.49 1.24
N ARG B 90 -10.18 11.76 1.53
CA ARG B 90 -9.78 12.10 2.88
C ARG B 90 -10.40 13.38 3.33
N PRO B 91 -10.73 13.53 4.62
CA PRO B 91 -11.17 14.84 5.14
C PRO B 91 -10.13 15.98 4.87
N GLY B 92 -10.63 17.08 4.40
CA GLY B 92 -9.80 18.25 4.06
C GLY B 92 -9.28 18.23 2.66
N PHE B 93 -9.42 17.14 1.93
CA PHE B 93 -8.89 17.03 0.58
C PHE B 93 -10.00 17.18 -0.45
#